data_8BGL
#
_entry.id   8BGL
#
_cell.length_a   98.104
_cell.length_b   48.822
_cell.length_c   99.120
_cell.angle_alpha   90.000
_cell.angle_beta   101.160
_cell.angle_gamma   90.000
#
_symmetry.space_group_name_H-M   'I 1 2 1'
#
loop_
_entity.id
_entity.type
_entity.pdbx_description
1 polymer 'PAmCherry1 protein'
2 non-polymer DI(HYDROXYETHYL)ETHER
3 non-polymer 'PENTAETHYLENE GLYCOL'
4 non-polymer 1,2-ETHANEDIOL
5 water water
#
_entity_poly.entity_id   1
_entity_poly.type   'polypeptide(L)'
_entity_poly.pdbx_seq_one_letter_code
;MRGSHHHHHHGMASMTGGQQMGRDLYDDDDKDPMVSKGEEDNMAIIKEFMRFKVHMEGSVNCHEFEIEGEGEGHPYEGTQ
TAKLKVTKGGPLPFAWDILSPQF(QYX)SKAYVKHPADIPDYLKLSFPEGFKWERVMNFEDGGVVTVTQDSSLQDGEFIY
KVKLCGTNFPSDGPVMQKKTMGWFACSEQMYPEDGALKGLSKMRLKLKDGGHYDAEFKTTYKAKKPVQLPGAYNVNIKLD
ITSHNEDYTIVEQYERAEGRHSTGGMDELYK
;
_entity_poly.pdbx_strand_id   A,B
#
# COMPACT_ATOMS: atom_id res chain seq x y z
N MET A 43 25.44 -35.61 -1.06
CA MET A 43 25.69 -34.18 -0.86
C MET A 43 24.37 -33.43 -0.66
N ALA A 44 24.40 -32.40 0.18
CA ALA A 44 23.20 -31.63 0.45
C ALA A 44 22.93 -30.64 -0.69
N ILE A 45 21.66 -30.24 -0.80
CA ILE A 45 21.27 -29.20 -1.75
C ILE A 45 21.61 -27.83 -1.20
N ILE A 46 21.28 -27.58 0.07
CA ILE A 46 21.65 -26.36 0.76
C ILE A 46 22.89 -26.69 1.57
N LYS A 47 24.05 -26.27 1.09
CA LYS A 47 25.29 -26.59 1.77
C LYS A 47 25.51 -25.63 2.94
N GLU A 48 26.55 -25.92 3.73
CA GLU A 48 26.85 -25.11 4.91
C GLU A 48 27.23 -23.69 4.53
N PHE A 49 27.80 -23.53 3.33
CA PHE A 49 28.17 -22.23 2.78
C PHE A 49 27.51 -22.09 1.42
N MET A 50 26.80 -20.98 1.21
CA MET A 50 26.04 -20.78 -0.01
C MET A 50 26.16 -19.32 -0.45
N ARG A 51 26.42 -19.12 -1.73
CA ARG A 51 26.43 -17.80 -2.34
C ARG A 51 25.09 -17.52 -3.02
N PHE A 52 24.82 -16.24 -3.27
CA PHE A 52 23.62 -15.87 -4.00
C PHE A 52 23.92 -14.68 -4.89
N LYS A 53 23.05 -14.50 -5.89
CA LYS A 53 23.09 -13.36 -6.79
C LYS A 53 21.69 -12.74 -6.80
N VAL A 54 21.61 -11.41 -6.80
CA VAL A 54 20.33 -10.72 -6.73
C VAL A 54 20.29 -9.62 -7.79
N HIS A 55 19.12 -9.47 -8.43
CA HIS A 55 18.83 -8.36 -9.32
C HIS A 55 17.52 -7.72 -8.86
N MET A 56 17.55 -6.42 -8.59
CA MET A 56 16.36 -5.68 -8.21
C MET A 56 16.06 -4.63 -9.27
N GLU A 57 14.78 -4.51 -9.62
CA GLU A 57 14.30 -3.40 -10.42
C GLU A 57 13.06 -2.82 -9.75
N GLY A 58 12.89 -1.52 -9.89
CA GLY A 58 11.66 -0.90 -9.43
C GLY A 58 11.72 0.61 -9.50
N SER A 59 10.83 1.23 -8.73
CA SER A 59 10.76 2.68 -8.64
C SER A 59 10.20 3.07 -7.29
N VAL A 60 10.67 4.22 -6.79
CA VAL A 60 10.15 4.83 -5.58
C VAL A 60 9.77 6.26 -5.93
N ASN A 61 8.51 6.63 -5.67
CA ASN A 61 7.98 7.93 -6.10
C ASN A 61 8.30 8.18 -7.58
N CYS A 62 8.22 7.10 -8.35
CA CYS A 62 8.42 7.07 -9.81
C CYS A 62 9.85 7.36 -10.25
N HIS A 63 10.82 7.32 -9.35
CA HIS A 63 12.23 7.30 -9.75
C HIS A 63 12.63 5.83 -9.98
N GLU A 64 12.90 5.47 -11.22
CA GLU A 64 13.24 4.10 -11.56
C GLU A 64 14.71 3.82 -11.32
N PHE A 65 15.01 2.57 -10.96
CA PHE A 65 16.38 2.18 -10.67
C PHE A 65 16.53 0.68 -10.85
N GLU A 66 17.78 0.23 -10.84
CA GLU A 66 18.10 -1.19 -10.91
C GLU A 66 19.34 -1.42 -10.04
N ILE A 67 19.33 -2.54 -9.32
CA ILE A 67 20.42 -2.92 -8.43
C ILE A 67 20.84 -4.35 -8.77
N GLU A 68 22.14 -4.57 -8.80
CA GLU A 68 22.73 -5.89 -8.98
C GLU A 68 23.63 -6.18 -7.81
N GLY A 69 23.56 -7.40 -7.27
CA GLY A 69 24.30 -7.70 -6.07
C GLY A 69 24.68 -9.17 -5.98
N GLU A 70 25.69 -9.42 -5.14
CA GLU A 70 26.15 -10.76 -4.85
C GLU A 70 26.29 -10.90 -3.36
N GLY A 71 25.99 -12.09 -2.84
CA GLY A 71 26.07 -12.33 -1.41
C GLY A 71 26.55 -13.73 -1.10
N GLU A 72 26.74 -13.98 0.20
CA GLU A 72 27.19 -15.28 0.66
C GLU A 72 26.90 -15.40 2.14
N GLY A 73 26.86 -16.63 2.62
CA GLY A 73 26.59 -16.83 4.03
C GLY A 73 26.48 -18.29 4.39
N HIS A 74 25.93 -18.52 5.57
CA HIS A 74 25.84 -19.87 6.15
C HIS A 74 24.41 -20.13 6.52
N PRO A 75 23.65 -20.81 5.66
CA PRO A 75 22.19 -20.88 5.85
C PRO A 75 21.76 -21.51 7.16
N TYR A 76 22.53 -22.45 7.70
CA TYR A 76 22.16 -23.09 8.95
C TYR A 76 22.66 -22.33 10.16
N GLU A 77 23.56 -21.37 9.96
CA GLU A 77 23.96 -20.47 11.03
C GLU A 77 23.09 -19.23 11.11
N GLY A 78 22.32 -18.94 10.05
CA GLY A 78 21.48 -17.78 10.03
C GLY A 78 22.19 -16.48 9.72
N THR A 79 23.35 -16.53 9.08
CA THR A 79 24.14 -15.32 8.84
C THR A 79 24.47 -15.20 7.36
N GLN A 80 24.59 -13.96 6.90
CA GLN A 80 24.87 -13.69 5.50
C GLN A 80 25.34 -12.25 5.34
N THR A 81 26.01 -12.00 4.22
CA THR A 81 26.41 -10.67 3.80
C THR A 81 26.10 -10.50 2.33
N ALA A 82 25.94 -9.25 1.91
CA ALA A 82 25.72 -8.94 0.51
C ALA A 82 26.45 -7.66 0.14
N LYS A 83 26.80 -7.56 -1.14
CA LYS A 83 27.44 -6.38 -1.72
C LYS A 83 26.54 -5.95 -2.88
N LEU A 84 25.94 -4.77 -2.76
CA LEU A 84 24.95 -4.29 -3.73
C LEU A 84 25.52 -3.12 -4.53
N LYS A 85 25.19 -3.10 -5.82
CA LYS A 85 25.64 -2.05 -6.73
C LYS A 85 24.43 -1.47 -7.46
N VAL A 86 24.28 -0.14 -7.40
CA VAL A 86 23.23 0.54 -8.15
C VAL A 86 23.71 0.66 -9.60
N THR A 87 23.04 -0.03 -10.50
CA THR A 87 23.46 -0.06 -11.90
C THR A 87 22.65 0.85 -12.81
N LYS A 88 21.44 1.23 -12.39
CA LYS A 88 20.64 2.18 -13.15
C LYS A 88 19.95 3.12 -12.17
N GLY A 89 19.90 4.41 -12.53
CA GLY A 89 19.18 5.39 -11.74
C GLY A 89 19.94 5.92 -10.54
N GLY A 90 21.24 5.68 -10.45
CA GLY A 90 22.02 6.18 -9.35
C GLY A 90 22.53 7.58 -9.63
N PRO A 91 22.75 8.38 -8.57
CA PRO A 91 22.50 8.00 -7.18
C PRO A 91 21.02 8.06 -6.82
N LEU A 92 20.59 7.18 -5.92
CA LEU A 92 19.18 7.11 -5.55
C LEU A 92 18.78 8.34 -4.74
N PRO A 93 17.68 9.00 -5.08
CA PRO A 93 17.27 10.18 -4.32
C PRO A 93 16.42 9.85 -3.11
N PHE A 94 16.63 8.67 -2.52
CA PHE A 94 15.84 8.25 -1.37
C PHE A 94 16.70 7.36 -0.49
N ALA A 95 16.20 7.06 0.71
CA ALA A 95 16.98 6.33 1.70
C ALA A 95 17.19 4.89 1.25
N TRP A 96 18.43 4.42 1.39
CA TRP A 96 18.75 3.03 1.08
C TRP A 96 18.00 2.07 1.98
N ASP A 97 17.69 2.50 3.21
CA ASP A 97 17.16 1.60 4.22
C ASP A 97 15.85 0.95 3.80
N ILE A 98 15.07 1.57 2.92
CA ILE A 98 13.83 0.93 2.49
C ILE A 98 14.10 -0.22 1.53
N LEU A 99 15.29 -0.29 0.93
CA LEU A 99 15.64 -1.38 0.03
C LEU A 99 16.36 -2.53 0.73
N SER A 100 17.09 -2.24 1.80
CA SER A 100 17.96 -3.24 2.41
C SER A 100 17.23 -4.50 2.87
N PRO A 101 16.00 -4.45 3.41
CA PRO A 101 15.34 -5.71 3.79
C PRO A 101 14.85 -6.54 2.62
N GLN A 102 15.06 -6.14 1.37
CA GLN A 102 14.61 -6.95 0.25
C GLN A 102 15.72 -7.80 -0.36
N PHE A 103 16.97 -7.55 -0.01
CA PHE A 103 18.07 -8.26 -0.64
C PHE A 103 18.35 -9.57 0.07
N SER A 105 16.22 -12.77 2.15
CA SER A 105 17.03 -13.95 1.91
C SER A 105 16.74 -14.96 2.99
N LYS A 106 15.51 -15.49 2.97
CA LYS A 106 15.01 -16.32 4.05
C LYS A 106 15.54 -17.74 4.02
N ALA A 107 16.31 -18.14 3.01
CA ALA A 107 16.98 -19.43 3.11
C ALA A 107 18.09 -19.43 4.14
N TYR A 108 18.51 -18.24 4.62
CA TYR A 108 19.60 -18.12 5.57
C TYR A 108 19.07 -17.79 6.96
N VAL A 109 18.06 -18.53 7.41
CA VAL A 109 17.51 -18.36 8.76
C VAL A 109 17.84 -19.61 9.56
N LYS A 110 18.46 -19.42 10.72
CA LYS A 110 18.78 -20.55 11.58
C LYS A 110 17.50 -21.06 12.24
N HIS A 111 17.18 -22.33 12.01
CA HIS A 111 15.96 -22.91 12.52
C HIS A 111 16.27 -24.02 13.51
N PRO A 112 15.59 -24.07 14.66
CA PRO A 112 15.67 -25.25 15.51
C PRO A 112 15.19 -26.48 14.75
N ALA A 113 15.69 -27.64 15.16
CA ALA A 113 15.39 -28.86 14.41
C ALA A 113 13.90 -29.18 14.42
N ASP A 114 13.18 -28.77 15.45
CA ASP A 114 11.75 -29.07 15.56
C ASP A 114 10.86 -27.99 14.94
N ILE A 115 11.42 -27.08 14.15
CA ILE A 115 10.62 -26.12 13.39
C ILE A 115 10.91 -26.34 11.92
N PRO A 116 9.95 -26.85 11.14
CA PRO A 116 10.20 -27.12 9.72
C PRO A 116 10.71 -25.89 8.99
N ASP A 117 11.85 -26.04 8.30
CA ASP A 117 12.48 -24.94 7.58
C ASP A 117 11.88 -24.87 6.19
N TYR A 118 10.64 -24.33 6.15
CA TYR A 118 9.81 -24.37 4.95
C TYR A 118 10.55 -23.82 3.74
N LEU A 119 11.25 -22.70 3.88
CA LEU A 119 11.87 -22.09 2.72
C LEU A 119 13.15 -22.81 2.29
N LYS A 120 13.86 -23.45 3.22
CA LYS A 120 14.97 -24.31 2.81
C LYS A 120 14.45 -25.55 2.08
N LEU A 121 13.37 -26.14 2.58
CA LEU A 121 12.79 -27.34 1.97
C LEU A 121 12.26 -27.06 0.56
N SER A 122 11.92 -25.80 0.25
CA SER A 122 11.37 -25.46 -1.05
C SER A 122 12.36 -25.67 -2.18
N PHE A 123 13.64 -25.78 -1.88
CA PHE A 123 14.61 -25.87 -2.96
C PHE A 123 14.77 -27.32 -3.41
N PRO A 124 15.30 -27.55 -4.63
CA PRO A 124 15.89 -26.63 -5.61
C PRO A 124 14.91 -25.69 -6.32
N GLU A 125 13.64 -26.09 -6.47
CA GLU A 125 12.67 -25.25 -7.15
C GLU A 125 12.64 -23.84 -6.57
N GLY A 126 12.44 -23.73 -5.27
CA GLY A 126 12.50 -22.46 -4.58
C GLY A 126 11.14 -21.97 -4.12
N PHE A 127 11.05 -20.66 -3.95
CA PHE A 127 9.84 -20.04 -3.43
C PHE A 127 9.71 -18.64 -4.00
N LYS A 128 8.57 -18.03 -3.72
CA LYS A 128 8.31 -16.65 -4.10
C LYS A 128 7.72 -15.96 -2.88
N TRP A 129 7.89 -14.66 -2.80
CA TRP A 129 7.21 -13.95 -1.73
C TRP A 129 6.74 -12.59 -2.17
N GLU A 130 5.68 -12.12 -1.51
CA GLU A 130 5.07 -10.84 -1.76
C GLU A 130 5.02 -10.07 -0.44
N ARG A 131 5.40 -8.80 -0.49
CA ARG A 131 5.53 -8.04 0.73
C ARG A 131 4.92 -6.67 0.53
N VAL A 132 4.30 -6.14 1.58
CA VAL A 132 3.86 -4.75 1.62
C VAL A 132 4.40 -4.14 2.92
N MET A 133 4.94 -2.94 2.81
CA MET A 133 5.44 -2.19 3.95
C MET A 133 4.67 -0.89 4.05
N ASN A 134 4.00 -0.67 5.18
CA ASN A 134 3.19 0.53 5.40
C ASN A 134 3.87 1.41 6.43
N PHE A 135 4.35 2.57 6.00
CA PHE A 135 5.11 3.46 6.85
C PHE A 135 4.18 4.46 7.56
N GLU A 136 4.64 4.97 8.69
CA GLU A 136 3.77 5.75 9.56
C GLU A 136 3.29 7.04 8.91
N ASP A 137 4.00 7.55 7.90
CA ASP A 137 3.62 8.81 7.26
C ASP A 137 2.92 8.60 5.93
N GLY A 138 2.33 7.42 5.71
CA GLY A 138 1.57 7.15 4.51
C GLY A 138 2.35 6.49 3.40
N GLY A 139 3.67 6.40 3.51
CA GLY A 139 4.45 5.74 2.47
C GLY A 139 4.14 4.26 2.40
N VAL A 140 4.17 3.72 1.19
CA VAL A 140 3.90 2.31 0.96
C VAL A 140 4.96 1.77 0.00
N VAL A 141 5.53 0.63 0.33
CA VAL A 141 6.41 -0.11 -0.56
C VAL A 141 5.80 -1.48 -0.76
N THR A 142 5.73 -1.93 -2.01
CA THR A 142 5.33 -3.29 -2.35
C THR A 142 6.52 -4.01 -2.96
N VAL A 143 6.67 -5.29 -2.65
CA VAL A 143 7.82 -6.07 -3.11
C VAL A 143 7.33 -7.42 -3.61
N THR A 144 7.78 -7.80 -4.80
CA THR A 144 7.58 -9.14 -5.34
C THR A 144 8.93 -9.77 -5.63
N GLN A 145 9.10 -11.04 -5.25
CA GLN A 145 10.41 -11.69 -5.31
C GLN A 145 10.27 -13.16 -5.68
N ASP A 146 11.24 -13.65 -6.44
CA ASP A 146 11.35 -15.06 -6.82
C ASP A 146 12.74 -15.55 -6.45
N SER A 147 12.81 -16.67 -5.71
CA SER A 147 14.08 -17.28 -5.31
C SER A 147 14.19 -18.66 -5.94
N SER A 148 15.35 -18.95 -6.53
CA SER A 148 15.63 -20.25 -7.16
C SER A 148 17.07 -20.63 -6.88
N LEU A 149 17.42 -21.85 -7.27
CA LEU A 149 18.77 -22.37 -7.07
C LEU A 149 19.29 -22.85 -8.42
N GLN A 150 20.38 -22.23 -8.90
CA GLN A 150 20.97 -22.56 -10.20
C GLN A 150 22.47 -22.75 -10.05
N ASP A 151 22.98 -23.89 -10.51
CA ASP A 151 24.41 -24.18 -10.47
C ASP A 151 24.98 -24.01 -9.06
N GLY A 152 24.21 -24.47 -8.07
CA GLY A 152 24.68 -24.39 -6.70
C GLY A 152 24.65 -23.03 -6.06
N GLU A 153 24.03 -22.03 -6.69
CA GLU A 153 23.95 -20.67 -6.16
C GLU A 153 22.50 -20.18 -6.16
N PHE A 154 22.10 -19.50 -5.09
CA PHE A 154 20.76 -18.91 -5.05
C PHE A 154 20.65 -17.78 -6.06
N ILE A 155 19.49 -17.68 -6.71
CA ILE A 155 19.20 -16.62 -7.68
C ILE A 155 17.99 -15.85 -7.17
N TYR A 156 18.16 -14.54 -6.96
CA TYR A 156 17.11 -13.69 -6.43
C TYR A 156 16.69 -12.65 -7.46
N LYS A 157 15.39 -12.56 -7.74
CA LYS A 157 14.83 -11.55 -8.62
C LYS A 157 13.78 -10.77 -7.83
N VAL A 158 13.93 -9.45 -7.79
CA VAL A 158 13.12 -8.60 -6.92
C VAL A 158 12.49 -7.49 -7.75
N LYS A 159 11.20 -7.26 -7.53
CA LYS A 159 10.49 -6.11 -8.10
C LYS A 159 9.93 -5.28 -6.96
N LEU A 160 10.30 -4.01 -6.90
CA LEU A 160 9.95 -3.14 -5.79
C LEU A 160 9.23 -1.90 -6.31
N CYS A 161 8.10 -1.58 -5.70
CA CYS A 161 7.32 -0.41 -6.05
C CYS A 161 7.00 0.36 -4.77
N GLY A 162 7.50 1.58 -4.67
CA GLY A 162 7.23 2.44 -3.53
C GLY A 162 6.58 3.73 -3.99
N THR A 163 5.68 4.25 -3.15
CA THR A 163 4.90 5.41 -3.55
C THR A 163 4.36 6.11 -2.32
N ASN A 164 3.90 7.35 -2.52
CA ASN A 164 3.24 8.18 -1.52
C ASN A 164 4.17 8.61 -0.39
N PHE A 165 5.48 8.61 -0.63
CA PHE A 165 6.39 9.11 0.37
C PHE A 165 6.41 10.65 0.30
N PRO A 166 6.22 11.33 1.41
CA PRO A 166 6.31 12.81 1.38
C PRO A 166 7.67 13.27 0.89
N SER A 167 7.65 14.22 -0.04
CA SER A 167 8.89 14.76 -0.58
C SER A 167 9.78 15.34 0.52
N ASP A 168 9.18 15.80 1.62
CA ASP A 168 9.91 16.37 2.75
C ASP A 168 10.10 15.36 3.88
N GLY A 169 9.72 14.10 3.67
CA GLY A 169 9.79 13.10 4.71
C GLY A 169 11.17 12.48 4.80
N PRO A 170 11.36 11.65 5.82
CA PRO A 170 12.71 11.10 6.08
C PRO A 170 13.22 10.17 5.00
N VAL A 171 12.34 9.51 4.24
CA VAL A 171 12.80 8.62 3.18
C VAL A 171 13.35 9.42 2.00
N MET A 172 12.55 10.34 1.46
CA MET A 172 12.97 11.14 0.31
C MET A 172 14.06 12.14 0.67
N GLN A 173 14.20 12.51 1.95
CA GLN A 173 15.24 13.41 2.42
C GLN A 173 16.47 12.67 2.95
N LYS A 174 16.46 11.33 2.90
CA LYS A 174 17.60 10.51 3.32
C LYS A 174 18.00 10.81 4.76
N LYS A 175 17.04 10.72 5.67
CA LYS A 175 17.24 11.04 7.08
C LYS A 175 17.23 9.81 7.98
N THR A 176 17.30 8.61 7.41
CA THR A 176 17.26 7.38 8.19
C THR A 176 18.68 6.87 8.42
N MET A 177 18.84 6.06 9.47
CA MET A 177 20.16 5.53 9.84
C MET A 177 20.06 4.07 10.25
N GLY A 178 19.29 3.27 9.52
CA GLY A 178 19.30 1.85 9.75
C GLY A 178 18.16 1.38 10.64
N TRP A 179 17.86 0.09 10.52
CA TRP A 179 16.75 -0.53 11.24
C TRP A 179 17.18 -0.99 12.63
N PHE A 180 16.27 -0.83 13.59
CA PHE A 180 16.44 -1.53 14.85
C PHE A 180 16.35 -3.02 14.63
N ALA A 181 16.99 -3.79 15.53
CA ALA A 181 16.75 -5.21 15.57
C ALA A 181 15.26 -5.44 15.75
N CYS A 182 14.77 -6.54 15.17
CA CYS A 182 13.34 -6.73 15.05
C CYS A 182 13.03 -8.21 15.13
N SER A 183 11.73 -8.50 15.28
CA SER A 183 11.23 -9.86 15.34
C SER A 183 10.09 -9.99 14.35
N GLU A 184 10.10 -11.07 13.57
CA GLU A 184 9.03 -11.36 12.63
C GLU A 184 8.19 -12.50 13.19
N GLN A 185 6.89 -12.26 13.31
CA GLN A 185 5.95 -13.28 13.77
C GLN A 185 5.51 -14.11 12.57
N MET A 186 5.90 -15.38 12.54
CA MET A 186 5.62 -16.25 11.41
C MET A 186 4.45 -17.17 11.73
N TYR A 187 3.61 -17.43 10.72
CA TYR A 187 2.48 -18.33 10.93
C TYR A 187 1.99 -18.82 9.58
N PRO A 188 1.57 -20.08 9.47
CA PRO A 188 1.01 -20.55 8.21
C PRO A 188 -0.42 -20.07 8.07
N GLU A 189 -0.85 -19.87 6.83
CA GLU A 189 -2.20 -19.40 6.56
C GLU A 189 -2.53 -19.66 5.10
N ASP A 190 -3.64 -20.34 4.86
CA ASP A 190 -4.13 -20.60 3.50
C ASP A 190 -3.06 -21.26 2.64
N GLY A 191 -2.34 -22.21 3.24
CA GLY A 191 -1.32 -22.96 2.53
C GLY A 191 -0.02 -22.22 2.30
N ALA A 192 0.18 -21.06 2.92
CA ALA A 192 1.39 -20.27 2.73
C ALA A 192 1.96 -19.86 4.08
N LEU A 193 3.23 -19.46 4.06
CA LEU A 193 3.91 -18.99 5.26
C LEU A 193 3.84 -17.47 5.26
N LYS A 194 3.32 -16.89 6.33
CA LYS A 194 3.18 -15.46 6.44
C LYS A 194 4.05 -14.92 7.57
N GLY A 195 4.51 -13.68 7.39
CA GLY A 195 5.25 -12.99 8.41
C GLY A 195 4.70 -11.60 8.63
N LEU A 196 4.76 -11.15 9.88
CA LEU A 196 4.33 -9.81 10.28
C LEU A 196 5.35 -9.26 11.26
N SER A 197 5.83 -8.05 11.01
CA SER A 197 6.80 -7.42 11.91
C SER A 197 6.50 -5.94 12.04
N LYS A 198 6.76 -5.41 13.22
CA LYS A 198 6.71 -3.98 13.48
C LYS A 198 8.14 -3.45 13.42
N MET A 199 8.48 -2.80 12.31
CA MET A 199 9.84 -2.38 12.02
C MET A 199 10.02 -0.91 12.39
N ARG A 200 11.24 -0.55 12.78
CA ARG A 200 11.55 0.80 13.25
C ARG A 200 12.88 1.25 12.66
N LEU A 201 12.85 2.38 11.96
CA LEU A 201 14.05 3.00 11.41
C LEU A 201 14.54 4.09 12.35
N LYS A 202 15.85 4.11 12.61
CA LYS A 202 16.45 5.20 13.36
C LYS A 202 16.54 6.45 12.49
N LEU A 203 16.26 7.60 13.07
CA LEU A 203 16.36 8.86 12.35
C LEU A 203 17.65 9.59 12.71
N LYS A 204 18.18 10.35 11.74
CA LYS A 204 19.49 10.96 11.88
C LYS A 204 19.55 11.92 13.06
N ASP A 205 18.47 12.65 13.32
CA ASP A 205 18.47 13.64 14.38
C ASP A 205 17.80 13.12 15.66
N GLY A 206 17.63 11.82 15.78
CA GLY A 206 16.99 11.22 16.93
C GLY A 206 15.58 10.76 16.63
N GLY A 207 15.05 9.94 17.54
CA GLY A 207 13.73 9.40 17.35
C GLY A 207 13.74 8.30 16.30
N HIS A 208 12.54 7.84 15.95
CA HIS A 208 12.42 6.69 15.07
C HIS A 208 11.26 6.89 14.10
N TYR A 209 11.26 6.06 13.06
CA TYR A 209 10.30 6.11 11.96
C TYR A 209 9.85 4.67 11.71
N ASP A 210 8.55 4.43 11.86
CA ASP A 210 8.03 3.08 12.00
C ASP A 210 7.30 2.63 10.75
N ALA A 211 7.23 1.31 10.59
CA ALA A 211 6.53 0.70 9.47
C ALA A 211 6.07 -0.69 9.85
N GLU A 212 4.96 -1.12 9.25
CA GLU A 212 4.45 -2.46 9.42
C GLU A 212 4.76 -3.28 8.18
N PHE A 213 5.42 -4.43 8.37
CA PHE A 213 5.78 -5.33 7.30
C PHE A 213 4.82 -6.51 7.28
N LYS A 214 4.23 -6.78 6.12
CA LYS A 214 3.43 -7.98 5.90
C LYS A 214 4.01 -8.72 4.71
N THR A 215 4.29 -10.01 4.88
CA THR A 215 4.89 -10.80 3.81
C THR A 215 4.22 -12.16 3.74
N THR A 216 4.07 -12.67 2.52
CA THR A 216 3.54 -14.00 2.26
C THR A 216 4.59 -14.78 1.47
N TYR A 217 5.02 -15.92 2.00
CA TYR A 217 6.02 -16.77 1.38
C TYR A 217 5.37 -18.06 0.86
N LYS A 218 5.61 -18.40 -0.40
CA LYS A 218 4.98 -19.57 -1.01
C LYS A 218 6.03 -20.42 -1.72
N ALA A 219 6.20 -21.66 -1.27
CA ALA A 219 7.05 -22.58 -1.99
C ALA A 219 6.43 -22.90 -3.35
N LYS A 220 7.31 -23.13 -4.34
CA LYS A 220 6.83 -23.46 -5.67
C LYS A 220 6.29 -24.88 -5.76
N LYS A 221 6.71 -25.76 -4.85
CA LYS A 221 6.20 -27.11 -4.66
C LYS A 221 5.69 -27.26 -3.23
N PRO A 222 4.70 -28.13 -2.99
CA PRO A 222 4.16 -28.26 -1.62
C PRO A 222 5.19 -28.90 -0.70
N VAL A 223 5.56 -28.18 0.35
CA VAL A 223 6.44 -28.72 1.38
C VAL A 223 5.87 -28.36 2.75
N GLN A 224 6.44 -28.98 3.77
CA GLN A 224 5.89 -28.90 5.12
C GLN A 224 5.98 -27.48 5.66
N LEU A 225 4.84 -26.89 6.00
CA LEU A 225 4.80 -25.61 6.68
C LEU A 225 5.04 -25.80 8.18
N PRO A 226 5.63 -24.81 8.83
CA PRO A 226 5.75 -24.85 10.29
C PRO A 226 4.50 -24.29 10.94
N GLY A 227 4.40 -24.49 12.25
CA GLY A 227 3.46 -23.77 13.07
C GLY A 227 3.93 -22.35 13.29
N ALA A 228 3.20 -21.63 14.13
CA ALA A 228 3.59 -20.27 14.46
C ALA A 228 4.91 -20.26 15.22
N TYR A 229 5.75 -19.28 14.91
CA TYR A 229 7.02 -19.10 15.61
C TYR A 229 7.54 -17.70 15.31
N ASN A 230 8.67 -17.35 15.91
CA ASN A 230 9.25 -16.02 15.80
C ASN A 230 10.65 -16.09 15.22
N VAL A 231 11.00 -15.10 14.43
CA VAL A 231 12.35 -14.96 13.88
C VAL A 231 12.91 -13.60 14.32
N ASN A 232 14.02 -13.63 15.04
CA ASN A 232 14.71 -12.42 15.46
C ASN A 232 15.76 -12.06 14.41
N ILE A 233 15.74 -10.80 13.98
CA ILE A 233 16.52 -10.36 12.82
C ILE A 233 17.36 -9.16 13.22
N LYS A 234 18.63 -9.17 12.83
CA LYS A 234 19.51 -8.02 12.93
C LYS A 234 20.02 -7.72 11.53
N LEU A 235 19.67 -6.55 11.01
CA LEU A 235 20.05 -6.13 9.66
C LEU A 235 20.85 -4.85 9.76
N ASP A 236 22.11 -4.91 9.29
CA ASP A 236 23.04 -3.79 9.41
C ASP A 236 23.62 -3.44 8.05
N ILE A 237 23.82 -2.15 7.83
CA ILE A 237 24.66 -1.66 6.73
C ILE A 237 26.09 -1.60 7.26
N THR A 238 26.98 -2.43 6.70
CA THR A 238 28.35 -2.48 7.19
C THR A 238 29.31 -1.55 6.46
N SER A 239 29.00 -1.19 5.21
CA SER A 239 29.81 -0.21 4.50
C SER A 239 29.00 0.37 3.35
N HIS A 240 29.37 1.58 2.95
CA HIS A 240 28.74 2.25 1.81
C HIS A 240 29.64 3.38 1.33
N ASN A 241 29.62 3.63 0.03
CA ASN A 241 30.28 4.80 -0.50
C ASN A 241 29.41 6.03 -0.22
N GLU A 242 29.79 7.18 -0.79
CA GLU A 242 29.20 8.45 -0.37
C GLU A 242 27.74 8.57 -0.77
N ASP A 243 27.39 8.13 -1.98
CA ASP A 243 26.03 8.30 -2.49
C ASP A 243 25.26 6.98 -2.49
N TYR A 244 25.73 5.99 -1.72
CA TYR A 244 25.06 4.69 -1.58
C TYR A 244 24.85 4.00 -2.93
N THR A 245 25.81 4.18 -3.84
CA THR A 245 25.79 3.40 -5.07
C THR A 245 26.49 2.05 -4.90
N ILE A 246 27.32 1.92 -3.87
CA ILE A 246 27.91 0.64 -3.46
C ILE A 246 27.62 0.47 -1.98
N VAL A 247 26.97 -0.64 -1.62
CA VAL A 247 26.54 -0.89 -0.26
C VAL A 247 26.84 -2.33 0.10
N GLU A 248 27.31 -2.56 1.33
CA GLU A 248 27.47 -3.89 1.89
C GLU A 248 26.58 -4.04 3.12
N GLN A 249 25.95 -5.19 3.24
CA GLN A 249 24.98 -5.45 4.30
C GLN A 249 25.33 -6.73 5.03
N TYR A 250 24.83 -6.86 6.25
CA TYR A 250 24.98 -8.05 7.06
C TYR A 250 23.65 -8.32 7.75
N GLU A 251 23.24 -9.59 7.79
CA GLU A 251 21.99 -9.96 8.42
C GLU A 251 22.15 -11.25 9.19
N ARG A 252 21.66 -11.25 10.43
CA ARG A 252 21.63 -12.42 11.29
C ARG A 252 20.18 -12.70 11.66
N ALA A 253 19.71 -13.92 11.41
CA ALA A 253 18.32 -14.26 11.62
C ALA A 253 18.21 -15.64 12.25
N GLU A 254 17.43 -15.73 13.32
CA GLU A 254 17.29 -16.99 14.04
C GLU A 254 15.84 -17.21 14.43
N GLY A 255 15.30 -18.37 14.06
CA GLY A 255 13.96 -18.72 14.47
C GLY A 255 13.93 -19.30 15.86
N ARG A 256 12.82 -19.05 16.56
CA ARG A 256 12.66 -19.57 17.90
C ARG A 256 11.17 -19.77 18.19
N HIS A 257 10.89 -20.63 19.16
CA HIS A 257 9.51 -20.89 19.55
C HIS A 257 8.89 -19.65 20.18
N SER A 258 7.58 -19.52 20.01
CA SER A 258 6.82 -18.43 20.61
C SER A 258 6.84 -18.55 22.12
N MET B 43 -29.85 30.23 6.09
CA MET B 43 -28.78 30.73 6.93
C MET B 43 -27.88 29.59 7.43
N ALA B 44 -28.14 28.38 6.95
CA ALA B 44 -27.34 27.23 7.35
C ALA B 44 -26.02 27.22 6.60
N ILE B 45 -25.03 26.53 7.17
CA ILE B 45 -23.75 26.36 6.50
C ILE B 45 -23.83 25.28 5.44
N ILE B 46 -24.37 24.11 5.80
CA ILE B 46 -24.63 23.05 4.84
C ILE B 46 -26.11 23.12 4.49
N LYS B 47 -26.41 23.67 3.32
CA LYS B 47 -27.79 23.81 2.90
C LYS B 47 -28.29 22.49 2.31
N GLU B 48 -29.60 22.45 2.03
CA GLU B 48 -30.20 21.24 1.51
C GLU B 48 -29.69 20.88 0.13
N PHE B 49 -29.24 21.87 -0.65
CA PHE B 49 -28.61 21.67 -1.94
C PHE B 49 -27.25 22.32 -1.93
N MET B 50 -26.22 21.56 -2.29
CA MET B 50 -24.83 22.03 -2.21
C MET B 50 -24.06 21.57 -3.44
N ARG B 51 -23.31 22.49 -4.03
CA ARG B 51 -22.41 22.17 -5.14
C ARG B 51 -21.00 21.98 -4.63
N PHE B 52 -20.19 21.27 -5.42
CA PHE B 52 -18.78 21.10 -5.08
C PHE B 52 -17.95 21.13 -6.36
N LYS B 53 -16.66 21.40 -6.15
CA LYS B 53 -15.62 21.36 -7.17
C LYS B 53 -14.51 20.49 -6.64
N VAL B 54 -13.92 19.66 -7.50
CA VAL B 54 -12.89 18.72 -7.10
C VAL B 54 -11.73 18.82 -8.09
N HIS B 55 -10.51 18.74 -7.56
CA HIS B 55 -9.31 18.64 -8.39
C HIS B 55 -8.52 17.42 -7.91
N MET B 56 -8.22 16.50 -8.82
CA MET B 56 -7.41 15.34 -8.50
C MET B 56 -6.13 15.39 -9.31
N GLU B 57 -5.00 15.12 -8.67
CA GLU B 57 -3.75 14.87 -9.35
C GLU B 57 -3.14 13.60 -8.77
N GLY B 58 -2.44 12.85 -9.61
CA GLY B 58 -1.69 11.73 -9.11
C GLY B 58 -1.11 10.90 -10.24
N SER B 59 -0.76 9.67 -9.89
CA SER B 59 -0.21 8.75 -10.87
C SER B 59 -0.58 7.33 -10.45
N VAL B 60 -0.78 6.48 -11.45
CA VAL B 60 -1.00 5.06 -11.25
C VAL B 60 0.02 4.32 -12.10
N ASN B 61 0.82 3.45 -11.46
CA ASN B 61 1.95 2.80 -12.13
C ASN B 61 2.79 3.84 -12.87
N CYS B 62 2.92 5.01 -12.26
CA CYS B 62 3.71 6.15 -12.71
C CYS B 62 3.17 6.82 -13.97
N HIS B 63 1.92 6.53 -14.37
CA HIS B 63 1.26 7.34 -15.38
C HIS B 63 0.60 8.52 -14.67
N GLU B 64 1.11 9.72 -14.93
CA GLU B 64 0.65 10.92 -14.25
C GLU B 64 -0.62 11.47 -14.90
N PHE B 65 -1.50 12.06 -14.09
CA PHE B 65 -2.75 12.57 -14.63
C PHE B 65 -3.31 13.65 -13.71
N GLU B 66 -4.33 14.34 -14.22
CA GLU B 66 -5.06 15.34 -13.46
C GLU B 66 -6.51 15.28 -13.90
N ILE B 67 -7.42 15.42 -12.95
CA ILE B 67 -8.85 15.41 -13.22
C ILE B 67 -9.49 16.63 -12.55
N GLU B 68 -10.38 17.29 -13.28
CA GLU B 68 -11.17 18.40 -12.76
C GLU B 68 -12.65 18.08 -12.93
N GLY B 69 -13.43 18.41 -11.91
CA GLY B 69 -14.83 18.03 -11.92
C GLY B 69 -15.71 18.97 -11.12
N GLU B 70 -17.00 18.88 -11.41
CA GLU B 70 -18.03 19.63 -10.71
C GLU B 70 -19.13 18.67 -10.30
N GLY B 71 -19.66 18.86 -9.09
CA GLY B 71 -20.72 18.02 -8.60
C GLY B 71 -21.78 18.82 -7.88
N GLU B 72 -22.85 18.12 -7.50
CA GLU B 72 -23.97 18.73 -6.79
C GLU B 72 -24.78 17.60 -6.17
N GLY B 73 -25.54 17.95 -5.14
CA GLY B 73 -26.34 16.95 -4.46
C GLY B 73 -27.06 17.53 -3.27
N HIS B 74 -27.56 16.62 -2.44
CA HIS B 74 -28.40 16.94 -1.30
C HIS B 74 -27.83 16.28 -0.06
N PRO B 75 -27.05 17.01 0.75
CA PRO B 75 -26.27 16.36 1.81
C PRO B 75 -27.09 15.62 2.83
N TYR B 76 -28.32 16.07 3.10
CA TYR B 76 -29.17 15.41 4.06
C TYR B 76 -30.00 14.28 3.45
N GLU B 77 -30.06 14.21 2.14
CA GLU B 77 -30.65 13.07 1.46
C GLU B 77 -29.63 11.97 1.17
N GLY B 78 -28.34 12.29 1.26
CA GLY B 78 -27.32 11.31 0.99
C GLY B 78 -27.07 11.04 -0.47
N THR B 79 -27.42 11.98 -1.35
CA THR B 79 -27.34 11.76 -2.78
C THR B 79 -26.52 12.86 -3.43
N GLN B 80 -25.83 12.50 -4.51
CA GLN B 80 -25.00 13.46 -5.22
C GLN B 80 -24.64 12.90 -6.58
N THR B 81 -24.25 13.80 -7.47
CA THR B 81 -23.73 13.46 -8.79
C THR B 81 -22.48 14.29 -9.05
N ALA B 82 -21.64 13.79 -9.95
CA ALA B 82 -20.45 14.53 -10.33
C ALA B 82 -20.19 14.37 -11.82
N LYS B 83 -19.57 15.39 -12.40
CA LYS B 83 -19.15 15.40 -13.80
C LYS B 83 -17.65 15.65 -13.82
N LEU B 84 -16.89 14.63 -14.23
CA LEU B 84 -15.44 14.66 -14.20
C LEU B 84 -14.88 14.70 -15.62
N LYS B 85 -13.75 15.38 -15.77
CA LYS B 85 -13.03 15.42 -17.04
C LYS B 85 -11.54 15.23 -16.79
N VAL B 86 -10.91 14.41 -17.61
CA VAL B 86 -9.46 14.23 -17.58
C VAL B 86 -8.82 15.42 -18.28
N THR B 87 -8.08 16.22 -17.52
CA THR B 87 -7.46 17.43 -18.07
C THR B 87 -5.98 17.26 -18.39
N LYS B 88 -5.32 16.28 -17.78
CA LYS B 88 -3.93 15.96 -18.08
C LYS B 88 -3.75 14.45 -18.06
N GLY B 89 -2.94 13.93 -18.98
CA GLY B 89 -2.60 12.53 -18.97
C GLY B 89 -3.61 11.59 -19.59
N GLY B 90 -4.59 12.11 -20.33
CA GLY B 90 -5.58 11.27 -20.97
C GLY B 90 -5.12 10.79 -22.33
N PRO B 91 -5.61 9.63 -22.78
CA PRO B 91 -6.55 8.78 -22.02
C PRO B 91 -5.82 7.99 -20.94
N LEU B 92 -6.51 7.73 -19.83
CA LEU B 92 -5.88 7.00 -18.74
C LEU B 92 -5.68 5.54 -19.14
N PRO B 93 -4.49 4.97 -18.95
CA PRO B 93 -4.28 3.57 -19.34
C PRO B 93 -4.66 2.61 -18.23
N PHE B 94 -5.64 2.97 -17.40
CA PHE B 94 -6.08 2.11 -16.32
C PHE B 94 -7.58 2.34 -16.09
N ALA B 95 -8.18 1.46 -15.29
CA ALA B 95 -9.62 1.49 -15.10
C ALA B 95 -10.04 2.73 -14.32
N TRP B 96 -11.12 3.38 -14.78
CA TRP B 96 -11.66 4.54 -14.07
C TRP B 96 -12.14 4.17 -12.68
N ASP B 97 -12.56 2.91 -12.49
CA ASP B 97 -13.21 2.51 -11.26
C ASP B 97 -12.33 2.69 -10.03
N ILE B 98 -11.00 2.68 -10.18
CA ILE B 98 -10.17 2.88 -9.00
C ILE B 98 -10.18 4.34 -8.55
N LEU B 99 -10.58 5.25 -9.43
CA LEU B 99 -10.65 6.67 -9.08
C LEU B 99 -12.04 7.10 -8.62
N SER B 100 -13.09 6.42 -9.08
CA SER B 100 -14.44 6.90 -8.80
C SER B 100 -14.76 7.02 -7.32
N PRO B 101 -14.29 6.13 -6.42
CA PRO B 101 -14.59 6.32 -4.99
C PRO B 101 -13.82 7.47 -4.35
N GLN B 102 -13.02 8.23 -5.09
CA GLN B 102 -12.29 9.35 -4.49
C GLN B 102 -12.95 10.69 -4.76
N PHE B 103 -13.93 10.74 -5.66
CA PHE B 103 -14.52 12.01 -6.04
C PHE B 103 -15.69 12.36 -5.13
N SER B 105 -16.83 12.05 -1.16
N SER B 105 -16.78 12.05 -0.99
CA SER B 105 -17.58 13.22 -0.73
CA SER B 105 -17.55 13.25 -0.70
C SER B 105 -18.47 12.86 0.46
C SER B 105 -18.48 12.96 0.47
N LYS B 106 -17.87 12.83 1.65
CA LYS B 106 -18.55 12.34 2.85
C LYS B 106 -19.49 13.35 3.48
N ALA B 107 -19.54 14.59 2.99
CA ALA B 107 -20.55 15.52 3.46
C ALA B 107 -21.95 15.17 2.97
N TYR B 108 -22.07 14.27 2.00
CA TYR B 108 -23.37 13.91 1.43
C TYR B 108 -23.80 12.53 1.88
N VAL B 109 -23.72 12.23 3.17
CA VAL B 109 -24.19 10.96 3.72
C VAL B 109 -25.38 11.26 4.60
N LYS B 110 -26.48 10.54 4.35
CA LYS B 110 -27.68 10.71 5.17
C LYS B 110 -27.48 10.04 6.53
N HIS B 111 -27.62 10.82 7.59
CA HIS B 111 -27.40 10.35 8.95
C HIS B 111 -28.70 10.41 9.75
N PRO B 112 -29.07 9.36 10.47
CA PRO B 112 -30.14 9.48 11.45
C PRO B 112 -29.78 10.51 12.52
N ALA B 113 -30.81 11.10 13.13
CA ALA B 113 -30.58 12.20 14.07
C ALA B 113 -29.74 11.77 15.27
N ASP B 114 -29.79 10.50 15.65
CA ASP B 114 -29.05 10.02 16.82
C ASP B 114 -27.65 9.53 16.47
N ILE B 115 -27.16 9.85 15.28
CA ILE B 115 -25.77 9.55 14.92
C ILE B 115 -25.08 10.87 14.60
N PRO B 116 -24.10 11.30 15.40
CA PRO B 116 -23.40 12.55 15.12
C PRO B 116 -22.83 12.55 13.71
N ASP B 117 -23.18 13.58 12.94
CA ASP B 117 -22.72 13.70 11.56
C ASP B 117 -21.37 14.42 11.60
N TYR B 118 -20.35 13.66 12.01
CA TYR B 118 -19.04 14.22 12.33
C TYR B 118 -18.51 15.09 11.20
N LEU B 119 -18.58 14.60 9.96
CA LEU B 119 -17.97 15.33 8.86
C LEU B 119 -18.81 16.53 8.42
N LYS B 120 -20.13 16.50 8.61
CA LYS B 120 -20.91 17.70 8.38
C LYS B 120 -20.58 18.77 9.42
N LEU B 121 -20.44 18.38 10.68
CA LEU B 121 -20.13 19.34 11.74
C LEU B 121 -18.77 20.00 11.55
N SER B 122 -17.85 19.34 10.85
CA SER B 122 -16.49 19.86 10.68
C SER B 122 -16.45 21.16 9.88
N PHE B 123 -17.51 21.50 9.15
CA PHE B 123 -17.50 22.68 8.30
C PHE B 123 -17.89 23.91 9.11
N PRO B 124 -17.58 25.12 8.62
CA PRO B 124 -17.01 25.53 7.33
C PRO B 124 -15.55 25.15 7.11
N GLU B 125 -14.78 25.00 8.20
CA GLU B 125 -13.36 24.66 8.06
C GLU B 125 -13.18 23.42 7.20
N GLY B 126 -13.83 22.32 7.58
CA GLY B 126 -13.82 21.12 6.78
C GLY B 126 -13.03 19.99 7.43
N PHE B 127 -12.56 19.09 6.59
CA PHE B 127 -11.86 17.91 7.08
C PHE B 127 -10.84 17.43 6.06
N LYS B 128 -10.06 16.44 6.47
CA LYS B 128 -9.08 15.77 5.63
C LYS B 128 -9.27 14.28 5.79
N TRP B 129 -8.84 13.52 4.79
CA TRP B 129 -8.81 12.08 4.99
C TRP B 129 -7.68 11.46 4.19
N GLU B 130 -7.24 10.32 4.70
CA GLU B 130 -6.19 9.51 4.08
C GLU B 130 -6.73 8.12 3.88
N ARG B 131 -6.49 7.56 2.71
CA ARG B 131 -7.08 6.27 2.37
C ARG B 131 -6.02 5.38 1.74
N VAL B 132 -6.09 4.10 2.04
CA VAL B 132 -5.29 3.10 1.35
C VAL B 132 -6.23 2.00 0.86
N MET B 133 -6.06 1.60 -0.39
CA MET B 133 -6.83 0.52 -1.00
C MET B 133 -5.86 -0.59 -1.39
N ASN B 134 -6.09 -1.79 -0.87
CA ASN B 134 -5.24 -2.95 -1.13
C ASN B 134 -6.04 -3.95 -1.98
N PHE B 135 -5.62 -4.13 -3.22
CA PHE B 135 -6.33 -4.98 -4.15
C PHE B 135 -5.79 -6.41 -4.09
N GLU B 136 -6.64 -7.36 -4.48
CA GLU B 136 -6.34 -8.77 -4.24
C GLU B 136 -5.10 -9.25 -5.00
N ASP B 137 -4.69 -8.55 -6.06
CA ASP B 137 -3.54 -8.98 -6.86
C ASP B 137 -2.29 -8.16 -6.57
N GLY B 138 -2.21 -7.52 -5.41
CA GLY B 138 -1.04 -6.77 -5.03
C GLY B 138 -1.08 -5.28 -5.34
N GLY B 139 -2.06 -4.81 -6.10
CA GLY B 139 -2.16 -3.40 -6.38
C GLY B 139 -2.51 -2.61 -5.13
N VAL B 140 -1.94 -1.42 -5.02
CA VAL B 140 -2.17 -0.54 -3.87
C VAL B 140 -2.44 0.87 -4.38
N VAL B 141 -3.47 1.51 -3.83
CA VAL B 141 -3.76 2.92 -4.08
C VAL B 141 -3.77 3.64 -2.74
N THR B 142 -3.09 4.78 -2.68
CA THR B 142 -3.12 5.67 -1.53
C THR B 142 -3.75 6.98 -1.95
N VAL B 143 -4.55 7.56 -1.06
CA VAL B 143 -5.29 8.78 -1.38
C VAL B 143 -5.17 9.75 -0.22
N THR B 144 -4.84 11.00 -0.53
CA THR B 144 -4.88 12.10 0.43
C THR B 144 -5.86 13.14 -0.09
N GLN B 145 -6.71 13.65 0.80
CA GLN B 145 -7.77 14.54 0.38
C GLN B 145 -8.02 15.61 1.44
N ASP B 146 -8.34 16.81 0.97
CA ASP B 146 -8.70 17.94 1.81
C ASP B 146 -10.05 18.47 1.36
N SER B 147 -10.99 18.62 2.30
CA SER B 147 -12.32 19.16 2.02
C SER B 147 -12.52 20.46 2.79
N SER B 148 -12.98 21.49 2.08
CA SER B 148 -13.26 22.79 2.66
C SER B 148 -14.51 23.36 2.01
N LEU B 149 -14.97 24.49 2.55
CA LEU B 149 -16.16 25.19 2.06
C LEU B 149 -15.77 26.62 1.74
N GLN B 150 -15.91 27.00 0.48
CA GLN B 150 -15.55 28.33 0.01
C GLN B 150 -16.69 28.90 -0.82
N ASP B 151 -17.16 30.10 -0.45
CA ASP B 151 -18.20 30.81 -1.20
C ASP B 151 -19.46 29.94 -1.37
N GLY B 152 -19.81 29.21 -0.31
CA GLY B 152 -20.99 28.37 -0.34
C GLY B 152 -20.88 27.10 -1.16
N GLU B 153 -19.68 26.73 -1.62
CA GLU B 153 -19.47 25.54 -2.41
C GLU B 153 -18.34 24.71 -1.81
N PHE B 154 -18.51 23.39 -1.77
CA PHE B 154 -17.44 22.53 -1.29
C PHE B 154 -16.27 22.55 -2.25
N ILE B 155 -15.05 22.53 -1.71
CA ILE B 155 -13.83 22.49 -2.49
C ILE B 155 -13.07 21.23 -2.08
N TYR B 156 -12.80 20.36 -3.05
CA TYR B 156 -12.15 19.07 -2.83
C TYR B 156 -10.81 19.05 -3.54
N LYS B 157 -9.76 18.69 -2.81
CA LYS B 157 -8.42 18.53 -3.36
C LYS B 157 -7.93 17.12 -3.07
N VAL B 158 -7.56 16.38 -4.12
CA VAL B 158 -7.28 14.95 -4.00
C VAL B 158 -5.90 14.66 -4.57
N LYS B 159 -5.10 13.88 -3.83
CA LYS B 159 -3.83 13.36 -4.33
C LYS B 159 -3.88 11.85 -4.27
N LEU B 160 -3.64 11.20 -5.40
CA LEU B 160 -3.80 9.75 -5.52
C LEU B 160 -2.50 9.14 -6.04
N CYS B 161 -2.05 8.08 -5.38
CA CYS B 161 -0.83 7.38 -5.78
C CYS B 161 -1.15 5.89 -5.84
N GLY B 162 -1.07 5.31 -7.04
CA GLY B 162 -1.31 3.88 -7.23
C GLY B 162 -0.08 3.22 -7.82
N THR B 163 0.16 1.98 -7.42
CA THR B 163 1.38 1.30 -7.84
C THR B 163 1.20 -0.20 -7.69
N ASN B 164 2.09 -0.96 -8.35
CA ASN B 164 2.18 -2.40 -8.25
C ASN B 164 1.00 -3.12 -8.89
N PHE B 165 0.28 -2.48 -9.82
CA PHE B 165 -0.79 -3.17 -10.53
C PHE B 165 -0.19 -4.03 -11.63
N PRO B 166 -0.52 -5.32 -11.70
CA PRO B 166 0.00 -6.16 -12.79
C PRO B 166 -0.37 -5.59 -14.15
N SER B 167 0.63 -5.53 -15.04
CA SER B 167 0.40 -5.03 -16.39
C SER B 167 -0.69 -5.80 -17.11
N ASP B 168 -0.88 -7.08 -16.76
CA ASP B 168 -1.89 -7.93 -17.36
C ASP B 168 -3.14 -8.04 -16.51
N GLY B 169 -3.23 -7.26 -15.43
CA GLY B 169 -4.36 -7.36 -14.52
C GLY B 169 -5.54 -6.54 -15.01
N PRO B 170 -6.67 -6.70 -14.33
CA PRO B 170 -7.90 -6.05 -14.81
C PRO B 170 -7.85 -4.53 -14.74
N VAL B 171 -7.06 -3.96 -13.84
CA VAL B 171 -6.99 -2.50 -13.75
C VAL B 171 -6.25 -1.93 -14.95
N MET B 172 -5.02 -2.41 -15.19
CA MET B 172 -4.24 -1.90 -16.31
C MET B 172 -4.80 -2.34 -17.66
N GLN B 173 -5.58 -3.42 -17.70
CA GLN B 173 -6.23 -3.86 -18.94
C GLN B 173 -7.65 -3.32 -19.07
N LYS B 174 -8.11 -2.53 -18.10
CA LYS B 174 -9.43 -1.91 -18.15
C LYS B 174 -10.53 -2.96 -18.34
N LYS B 175 -10.56 -3.93 -17.44
CA LYS B 175 -11.50 -5.04 -17.51
C LYS B 175 -12.57 -4.97 -16.43
N THR B 176 -12.70 -3.83 -15.73
CA THR B 176 -13.66 -3.69 -14.65
C THR B 176 -14.94 -3.01 -15.18
N MET B 177 -16.04 -3.24 -14.46
CA MET B 177 -17.33 -2.69 -14.86
C MET B 177 -18.11 -2.18 -13.66
N GLY B 178 -17.45 -1.46 -12.76
CA GLY B 178 -18.15 -0.76 -11.71
C GLY B 178 -18.19 -1.54 -10.40
N TRP B 179 -18.41 -0.81 -9.31
CA TRP B 179 -18.39 -1.38 -7.98
C TRP B 179 -19.75 -1.95 -7.61
N PHE B 180 -19.73 -3.08 -6.90
CA PHE B 180 -20.94 -3.56 -6.22
C PHE B 180 -21.34 -2.57 -5.14
N ALA B 181 -22.63 -2.56 -4.81
CA ALA B 181 -23.08 -1.86 -3.62
C ALA B 181 -22.31 -2.39 -2.41
N CYS B 182 -22.04 -1.50 -1.47
CA CYS B 182 -21.10 -1.83 -0.41
C CYS B 182 -21.50 -1.10 0.87
N SER B 183 -20.86 -1.48 1.96
CA SER B 183 -21.07 -0.85 3.26
C SER B 183 -19.73 -0.48 3.86
N GLU B 184 -19.65 0.72 4.41
CA GLU B 184 -18.45 1.19 5.08
C GLU B 184 -18.68 1.11 6.59
N GLN B 185 -17.90 0.27 7.27
CA GLN B 185 -17.99 0.15 8.72
C GLN B 185 -17.20 1.27 9.36
N MET B 186 -17.91 2.20 10.01
CA MET B 186 -17.30 3.35 10.65
C MET B 186 -17.13 3.10 12.14
N TYR B 187 -16.04 3.63 12.70
CA TYR B 187 -15.74 3.49 14.12
C TYR B 187 -14.76 4.55 14.54
N PRO B 188 -14.90 5.12 15.74
CA PRO B 188 -13.92 6.11 16.22
C PRO B 188 -12.67 5.42 16.73
N GLU B 189 -11.54 6.11 16.55
CA GLU B 189 -10.25 5.58 16.99
C GLU B 189 -9.20 6.68 17.01
N ASP B 190 -8.54 6.85 18.14
CA ASP B 190 -7.46 7.84 18.29
C ASP B 190 -7.92 9.25 17.92
N GLY B 191 -9.13 9.59 18.34
CA GLY B 191 -9.65 10.92 18.09
C GLY B 191 -10.09 11.19 16.67
N ALA B 192 -10.16 10.17 15.82
CA ALA B 192 -10.54 10.34 14.43
C ALA B 192 -11.62 9.34 14.06
N LEU B 193 -12.27 9.59 12.93
CA LEU B 193 -13.29 8.69 12.40
C LEU B 193 -12.64 7.81 11.33
N LYS B 194 -12.75 6.49 11.50
CA LYS B 194 -12.15 5.54 10.58
C LYS B 194 -13.23 4.74 9.87
N GLY B 195 -12.91 4.33 8.64
CA GLY B 195 -13.79 3.47 7.87
C GLY B 195 -13.03 2.28 7.32
N LEU B 196 -13.73 1.15 7.22
CA LEU B 196 -13.19 -0.07 6.64
C LEU B 196 -14.26 -0.71 5.77
N SER B 197 -13.91 -1.03 4.53
CA SER B 197 -14.87 -1.63 3.61
C SER B 197 -14.22 -2.74 2.79
N LYS B 198 -14.99 -3.79 2.53
CA LYS B 198 -14.60 -4.85 1.60
C LYS B 198 -15.30 -4.56 0.28
N MET B 199 -14.55 -4.05 -0.68
CA MET B 199 -15.09 -3.58 -1.94
C MET B 199 -14.90 -4.64 -3.02
N ARG B 200 -15.83 -4.67 -3.98
CA ARG B 200 -15.84 -5.69 -5.02
C ARG B 200 -16.12 -5.05 -6.36
N LEU B 201 -15.21 -5.24 -7.31
CA LEU B 201 -15.38 -4.73 -8.67
C LEU B 201 -15.90 -5.85 -9.58
N LYS B 202 -16.90 -5.53 -10.40
CA LYS B 202 -17.34 -6.45 -11.43
C LYS B 202 -16.32 -6.48 -12.57
N LEU B 203 -16.09 -7.68 -13.12
CA LEU B 203 -15.19 -7.86 -14.25
C LEU B 203 -15.99 -8.03 -15.54
N LYS B 204 -15.39 -7.61 -16.65
CA LYS B 204 -16.10 -7.53 -17.93
C LYS B 204 -16.61 -8.90 -18.37
N ASP B 205 -15.83 -9.95 -18.15
CA ASP B 205 -16.22 -11.29 -18.60
C ASP B 205 -16.80 -12.15 -17.49
N GLY B 206 -17.19 -11.55 -16.37
CA GLY B 206 -17.73 -12.28 -15.25
C GLY B 206 -16.74 -12.36 -14.09
N GLY B 207 -17.27 -12.75 -12.94
CA GLY B 207 -16.46 -12.80 -11.75
C GLY B 207 -16.24 -11.41 -11.19
N HIS B 208 -15.39 -11.33 -10.17
CA HIS B 208 -15.20 -10.09 -9.43
C HIS B 208 -13.74 -9.92 -9.05
N TYR B 209 -13.40 -8.70 -8.64
CA TYR B 209 -12.05 -8.29 -8.30
C TYR B 209 -12.13 -7.46 -7.02
N ASP B 210 -11.48 -7.93 -5.96
CA ASP B 210 -11.76 -7.42 -4.61
C ASP B 210 -10.63 -6.54 -4.09
N ALA B 211 -11.01 -5.67 -3.14
CA ALA B 211 -10.08 -4.76 -2.51
C ALA B 211 -10.57 -4.42 -1.11
N GLU B 212 -9.62 -4.15 -0.23
CA GLU B 212 -9.90 -3.70 1.13
C GLU B 212 -9.61 -2.21 1.22
N PHE B 213 -10.61 -1.44 1.66
CA PHE B 213 -10.47 0.01 1.83
C PHE B 213 -10.30 0.31 3.30
N LYS B 214 -9.28 1.09 3.62
CA LYS B 214 -9.10 1.64 4.96
C LYS B 214 -8.94 3.15 4.83
N THR B 215 -9.74 3.89 5.60
CA THR B 215 -9.75 5.35 5.53
C THR B 215 -9.81 5.93 6.94
N THR B 216 -9.11 7.05 7.13
CA THR B 216 -9.14 7.81 8.37
C THR B 216 -9.60 9.22 8.05
N TYR B 217 -10.69 9.66 8.67
CA TYR B 217 -11.26 10.98 8.47
C TYR B 217 -11.01 11.84 9.70
N LYS B 218 -10.46 13.03 9.51
CA LYS B 218 -10.09 13.91 10.62
C LYS B 218 -10.64 15.31 10.38
N ALA B 219 -11.52 15.75 11.27
CA ALA B 219 -11.98 17.13 11.22
C ALA B 219 -10.83 18.08 11.54
N LYS B 220 -10.84 19.25 10.87
CA LYS B 220 -9.81 20.25 11.11
C LYS B 220 -9.98 20.95 12.45
N LYS B 221 -11.20 20.95 12.99
CA LYS B 221 -11.50 21.42 14.32
C LYS B 221 -12.14 20.28 15.11
N PRO B 222 -11.96 20.22 16.43
CA PRO B 222 -12.53 19.11 17.19
C PRO B 222 -14.06 19.21 17.24
N VAL B 223 -14.72 18.18 16.71
CA VAL B 223 -16.16 18.06 16.79
C VAL B 223 -16.47 16.63 17.24
N GLN B 224 -17.72 16.42 17.63
CA GLN B 224 -18.10 15.18 18.28
C GLN B 224 -18.04 14.00 17.32
N LEU B 225 -17.28 12.98 17.69
CA LEU B 225 -17.25 11.73 16.95
C LEU B 225 -18.48 10.89 17.28
N PRO B 226 -18.94 10.07 16.34
CA PRO B 226 -20.01 9.11 16.64
C PRO B 226 -19.41 7.80 17.16
N GLY B 227 -20.31 6.95 17.64
CA GLY B 227 -19.96 5.57 17.89
C GLY B 227 -19.87 4.80 16.60
N ALA B 228 -19.62 3.50 16.72
CA ALA B 228 -19.54 2.65 15.54
C ALA B 228 -20.89 2.57 14.84
N TYR B 229 -20.87 2.60 13.50
CA TYR B 229 -22.08 2.46 12.70
C TYR B 229 -21.66 2.11 11.27
N ASN B 230 -22.67 1.88 10.43
CA ASN B 230 -22.44 1.45 9.06
C ASN B 230 -23.04 2.45 8.09
N VAL B 231 -22.37 2.62 6.94
CA VAL B 231 -22.87 3.44 5.85
C VAL B 231 -23.00 2.55 4.62
N ASN B 232 -24.21 2.45 4.10
CA ASN B 232 -24.46 1.69 2.87
C ASN B 232 -24.31 2.62 1.68
N ILE B 233 -23.55 2.19 0.69
CA ILE B 233 -23.15 3.05 -0.42
C ILE B 233 -23.46 2.37 -1.74
N LYS B 234 -24.03 3.14 -2.66
CA LYS B 234 -24.18 2.75 -4.06
C LYS B 234 -23.48 3.80 -4.90
N LEU B 235 -22.45 3.38 -5.62
CA LEU B 235 -21.65 4.26 -6.46
C LEU B 235 -21.75 3.77 -7.90
N ASP B 236 -22.30 4.60 -8.78
CA ASP B 236 -22.55 4.21 -10.16
C ASP B 236 -21.91 5.20 -11.11
N ILE B 237 -21.41 4.67 -12.22
CA ILE B 237 -21.04 5.47 -13.39
C ILE B 237 -22.30 5.61 -14.24
N THR B 238 -22.83 6.83 -14.37
CA THR B 238 -24.06 7.02 -15.11
C THR B 238 -23.83 7.35 -16.58
N SER B 239 -22.66 7.89 -16.93
CA SER B 239 -22.30 8.07 -18.32
C SER B 239 -20.79 8.20 -18.43
N HIS B 240 -20.26 7.84 -19.61
CA HIS B 240 -18.84 7.99 -19.89
C HIS B 240 -18.66 7.96 -21.40
N ASN B 241 -17.68 8.72 -21.89
CA ASN B 241 -17.33 8.63 -23.30
C ASN B 241 -16.45 7.41 -23.51
N GLU B 242 -15.91 7.25 -24.72
CA GLU B 242 -15.31 5.98 -25.10
C GLU B 242 -14.04 5.67 -24.29
N ASP B 243 -13.20 6.67 -24.04
CA ASP B 243 -11.95 6.44 -23.33
C ASP B 243 -11.99 7.01 -21.90
N TYR B 244 -13.18 7.26 -21.38
CA TYR B 244 -13.36 7.74 -20.00
C TYR B 244 -12.61 9.04 -19.74
N THR B 245 -12.55 9.91 -20.74
CA THR B 245 -12.04 11.26 -20.51
C THR B 245 -13.13 12.20 -20.01
N ILE B 246 -14.39 11.84 -20.18
CA ILE B 246 -15.53 12.52 -19.56
C ILE B 246 -16.36 11.45 -18.87
N VAL B 247 -16.59 11.60 -17.58
CA VAL B 247 -17.31 10.61 -16.78
C VAL B 247 -18.30 11.34 -15.89
N GLU B 248 -19.50 10.78 -15.76
CA GLU B 248 -20.49 11.26 -14.79
C GLU B 248 -20.80 10.14 -13.80
N GLN B 249 -20.92 10.52 -12.54
CA GLN B 249 -21.10 9.55 -11.46
C GLN B 249 -22.30 9.94 -10.60
N TYR B 250 -22.82 8.95 -9.90
CA TYR B 250 -23.90 9.13 -8.95
C TYR B 250 -23.59 8.29 -7.73
N GLU B 251 -23.88 8.82 -6.55
CA GLU B 251 -23.63 8.09 -5.31
C GLU B 251 -24.76 8.35 -4.33
N ARG B 252 -25.24 7.28 -3.70
CA ARG B 252 -26.23 7.35 -2.64
C ARG B 252 -25.63 6.67 -1.41
N ALA B 253 -25.64 7.37 -0.27
CA ALA B 253 -24.99 6.88 0.93
C ALA B 253 -25.87 7.18 2.15
N GLU B 254 -26.09 6.18 2.98
CA GLU B 254 -26.93 6.33 4.15
C GLU B 254 -26.31 5.61 5.34
N GLY B 255 -26.18 6.33 6.45
CA GLY B 255 -25.70 5.71 7.67
C GLY B 255 -26.81 5.04 8.45
N ARG B 256 -26.45 3.94 9.12
CA ARG B 256 -27.41 3.20 9.93
C ARG B 256 -26.66 2.53 11.07
N HIS B 257 -27.39 2.23 12.15
CA HIS B 257 -26.79 1.57 13.29
C HIS B 257 -26.38 0.14 12.94
N SER B 258 -25.29 -0.31 13.58
CA SER B 258 -24.71 -1.62 13.32
C SER B 258 -25.66 -2.75 13.70
#